data_5QTV
#
_entry.id   5QTV
#
_cell.length_a   78.800
_cell.length_b   78.800
_cell.length_c   106.100
_cell.angle_alpha   90.000
_cell.angle_beta   90.000
_cell.angle_gamma   120.000
#
_symmetry.space_group_name_H-M   'P 32 2 1'
#
loop_
_entity.id
_entity.type
_entity.pdbx_description
1 polymer 'Coagulation factor XI'
2 non-polymer 'methyl [(2R,7S)-7-({(2E)-3-[5-chloro-2-(1H-tetrazol-1-yl)phenyl]prop-2-enoyl}amino)-2-(trifluoromethyl)-2,3,4,5,6,7-hexahydro-1H-8,11-epimino-1,9-benzodiazacyclotridecin-14-yl]carbamate'
3 non-polymer 'SULFATE ION'
4 non-polymer 1,2-ETHANEDIOL
5 water water
#
_entity_poly.entity_id   1
_entity_poly.type   'polypeptide(L)'
_entity_poly.pdbx_seq_one_letter_code
;IVGGTASVRGEWPWQVTLHTTSPTQRHLCGGSIIGNQWILTAAHCFYGVESPKILRVYSGILNQSEIKEDTSFFGVQEII
IHDQYKMAESGYDIALLKLETTVGYGDSQRPICLPSKGDRNVIYTDCWVTGWGYRKLRDKIQNTLQKAKIPLVTNEECQK
RYRGHKITHKMICAGYREGGKDACKGDSGGPLSCKHNEVWHLVGITSWGEGCAQRERPGVYTNVVEYVDWILEKTQAVHH
HHHH
;
_entity_poly.pdbx_strand_id   A
#
loop_
_chem_comp.id
_chem_comp.type
_chem_comp.name
_chem_comp.formula
EDO non-polymer 1,2-ETHANEDIOL 'C2 H6 O2'
QLS non-polymer 'methyl [(2R,7S)-7-({(2E)-3-[5-chloro-2-(1H-tetrazol-1-yl)phenyl]prop-2-enoyl}amino)-2-(trifluoromethyl)-2,3,4,5,6,7-hexahydro-1H-8,11-epimino-1,9-benzodiazacyclotridecin-14-yl]carbamate' 'C28 H27 Cl F3 N9 O3'
SO4 non-polymer 'SULFATE ION' 'O4 S -2'
#
# COMPACT_ATOMS: atom_id res chain seq x y z
N ILE A 1 3.30 -9.78 -5.67
CA ILE A 1 4.28 -10.18 -4.65
C ILE A 1 5.14 -11.30 -5.24
N VAL A 2 6.47 -11.15 -5.13
CA VAL A 2 7.43 -12.16 -5.59
C VAL A 2 7.83 -13.00 -4.36
N GLY A 3 7.88 -14.33 -4.52
CA GLY A 3 8.31 -15.24 -3.46
C GLY A 3 7.42 -15.26 -2.24
N GLY A 4 6.14 -14.92 -2.41
CA GLY A 4 5.21 -14.93 -1.30
C GLY A 4 4.37 -16.20 -1.27
N THR A 5 3.41 -16.26 -0.35
CA THR A 5 2.49 -17.38 -0.20
C THR A 5 1.09 -16.80 -0.01
N ALA A 6 0.09 -17.63 -0.27
CA ALA A 6 -1.31 -17.26 -0.15
C ALA A 6 -1.60 -16.81 1.27
N SER A 7 -2.36 -15.72 1.41
CA SER A 7 -2.82 -15.29 2.73
C SER A 7 -4.06 -16.15 3.06
N VAL A 8 -4.44 -16.14 4.32
CA VAL A 8 -5.62 -16.79 4.84
C VAL A 8 -6.67 -15.66 4.97
N ARG A 9 -7.97 -15.98 4.81
CA ARG A 9 -9.03 -14.97 4.95
C ARG A 9 -8.97 -14.31 6.33
N GLY A 10 -9.04 -12.98 6.35
CA GLY A 10 -9.01 -12.18 7.57
C GLY A 10 -7.65 -11.86 8.14
N GLU A 11 -6.58 -12.37 7.51
CA GLU A 11 -5.20 -12.15 7.95
C GLU A 11 -4.77 -10.67 7.86
N TRP A 12 -5.14 -9.97 6.78
CA TRP A 12 -4.76 -8.55 6.57
C TRP A 12 -6.05 -7.74 6.40
N PRO A 13 -6.88 -7.60 7.48
CA PRO A 13 -8.21 -6.99 7.30
C PRO A 13 -8.25 -5.50 6.92
N TRP A 14 -7.10 -4.82 6.97
CA TRP A 14 -6.98 -3.42 6.52
C TRP A 14 -6.65 -3.35 5.02
N GLN A 15 -6.20 -4.46 4.41
CA GLN A 15 -5.87 -4.50 2.98
C GLN A 15 -7.13 -4.34 2.12
N VAL A 16 -7.10 -3.40 1.16
CA VAL A 16 -8.18 -3.22 0.20
C VAL A 16 -7.64 -3.39 -1.21
N THR A 17 -8.56 -3.61 -2.16
CA THR A 17 -8.24 -3.59 -3.57
C THR A 17 -8.99 -2.42 -4.16
N LEU A 18 -8.27 -1.49 -4.78
N LEU A 18 -8.26 -1.49 -4.80
CA LEU A 18 -8.86 -0.32 -5.41
CA LEU A 18 -8.83 -0.34 -5.49
C LEU A 18 -9.00 -0.64 -6.91
C LEU A 18 -9.02 -0.75 -6.94
N HIS A 19 -10.23 -0.58 -7.45
CA HIS A 19 -10.53 -0.87 -8.86
C HIS A 19 -10.88 0.40 -9.58
N THR A 20 -10.56 0.39 -10.86
CA THR A 20 -10.93 1.46 -11.75
C THR A 20 -12.04 0.86 -12.60
N THR A 21 -12.97 1.68 -13.04
CA THR A 21 -14.15 1.33 -13.82
C THR A 21 -14.02 1.69 -15.33
N SER A 22 -13.15 2.64 -15.70
CA SER A 22 -12.94 3.15 -17.06
C SER A 22 -11.59 2.75 -17.65
N PRO A 23 -11.52 2.14 -18.86
CA PRO A 23 -12.64 1.83 -19.79
C PRO A 23 -13.45 0.61 -19.37
N THR A 24 -12.82 -0.37 -18.67
CA THR A 24 -13.46 -1.58 -18.13
C THR A 24 -12.98 -1.74 -16.67
N GLN A 25 -13.72 -2.49 -15.84
CA GLN A 25 -13.31 -2.64 -14.45
C GLN A 25 -12.12 -3.56 -14.27
N ARG A 26 -11.12 -3.07 -13.51
CA ARG A 26 -9.94 -3.87 -13.19
C ARG A 26 -9.27 -3.35 -11.95
N HIS A 27 -8.47 -4.21 -11.29
CA HIS A 27 -7.68 -3.82 -10.13
C HIS A 27 -6.69 -2.72 -10.60
N LEU A 28 -6.54 -1.66 -9.78
CA LEU A 28 -5.64 -0.53 -10.03
C LEU A 28 -4.43 -0.57 -9.07
N CYS A 29 -4.71 -0.64 -7.78
CA CYS A 29 -3.72 -0.56 -6.71
C CYS A 29 -4.26 -1.21 -5.46
N GLY A 30 -3.36 -1.40 -4.50
CA GLY A 30 -3.70 -1.82 -3.15
C GLY A 30 -3.93 -0.56 -2.32
N GLY A 31 -4.36 -0.75 -1.10
CA GLY A 31 -4.64 0.33 -0.16
C GLY A 31 -4.83 -0.23 1.23
N SER A 32 -4.88 0.67 2.24
CA SER A 32 -5.07 0.28 3.65
C SER A 32 -6.17 1.10 4.29
N ILE A 33 -7.06 0.44 5.05
CA ILE A 33 -8.09 1.11 5.86
C ILE A 33 -7.35 1.73 7.04
N ILE A 34 -7.51 3.05 7.25
CA ILE A 34 -6.87 3.68 8.43
C ILE A 34 -7.90 4.38 9.32
N GLY A 35 -9.13 4.52 8.82
CA GLY A 35 -10.24 5.19 9.50
C GLY A 35 -11.51 4.71 8.85
N ASN A 36 -12.67 5.02 9.46
CA ASN A 36 -13.93 4.46 8.96
C ASN A 36 -14.38 5.05 7.63
N GLN A 37 -13.74 6.13 7.15
CA GLN A 37 -14.05 6.61 5.80
C GLN A 37 -12.73 6.91 5.05
N TRP A 38 -11.63 6.31 5.50
CA TRP A 38 -10.31 6.63 4.96
C TRP A 38 -9.46 5.45 4.53
N ILE A 39 -8.94 5.57 3.30
CA ILE A 39 -8.00 4.62 2.71
C ILE A 39 -6.68 5.34 2.45
N LEU A 40 -5.57 4.79 2.96
CA LEU A 40 -4.25 5.35 2.69
C LEU A 40 -3.63 4.50 1.57
N THR A 41 -3.13 5.17 0.53
CA THR A 41 -2.59 4.53 -0.66
C THR A 41 -1.46 5.38 -1.26
N ALA A 42 -0.98 5.00 -2.47
CA ALA A 42 0.09 5.71 -3.16
C ALA A 42 -0.47 6.74 -4.14
N ALA A 43 0.10 7.95 -4.14
CA ALA A 43 -0.28 9.02 -5.08
C ALA A 43 -0.13 8.59 -6.54
N HIS A 44 0.95 7.86 -6.90
CA HIS A 44 1.19 7.47 -8.31
C HIS A 44 0.07 6.62 -8.93
N CYS A 45 -0.77 6.00 -8.08
CA CYS A 45 -1.92 5.20 -8.53
C CYS A 45 -2.92 6.06 -9.34
N PHE A 46 -2.95 7.38 -9.09
CA PHE A 46 -3.97 8.23 -9.72
C PHE A 46 -3.47 8.94 -10.99
N TYR A 47 -2.33 8.48 -11.55
N TYR A 47 -2.33 8.49 -11.54
CA TYR A 47 -1.81 9.07 -12.78
CA TYR A 47 -1.74 9.08 -12.74
C TYR A 47 -2.86 8.80 -13.87
C TYR A 47 -2.75 9.25 -13.89
N GLY A 48 -3.33 9.88 -14.49
N GLY A 48 -3.49 8.18 -14.20
CA GLY A 48 -4.36 9.84 -15.52
CA GLY A 48 -4.48 8.21 -15.28
C GLY A 48 -5.78 9.78 -15.01
C GLY A 48 -5.92 8.39 -14.84
N VAL A 49 -5.97 9.42 -13.70
N VAL A 49 -6.12 8.93 -13.61
CA VAL A 49 -7.30 9.31 -13.05
CA VAL A 49 -7.43 9.14 -12.99
C VAL A 49 -7.83 10.72 -12.89
C VAL A 49 -7.83 10.64 -12.91
N GLU A 50 -8.83 11.05 -13.70
CA GLU A 50 -9.37 12.41 -13.74
C GLU A 50 -10.49 12.68 -12.75
N SER A 51 -11.11 11.61 -12.23
CA SER A 51 -12.25 11.72 -11.34
C SER A 51 -12.31 10.60 -10.31
N PRO A 52 -12.78 10.88 -9.07
CA PRO A 52 -12.97 9.77 -8.10
C PRO A 52 -14.17 8.88 -8.47
N LYS A 53 -15.02 9.34 -9.41
CA LYS A 53 -16.24 8.64 -9.88
C LYS A 53 -15.96 7.30 -10.53
N ILE A 54 -14.74 7.09 -11.06
CA ILE A 54 -14.35 5.83 -11.70
C ILE A 54 -13.73 4.82 -10.71
N LEU A 55 -13.66 5.17 -9.43
CA LEU A 55 -13.02 4.33 -8.43
C LEU A 55 -14.00 3.53 -7.59
N ARG A 56 -13.61 2.29 -7.24
CA ARG A 56 -14.37 1.40 -6.36
C ARG A 56 -13.37 0.77 -5.39
N VAL A 57 -13.69 0.85 -4.09
CA VAL A 57 -12.86 0.28 -3.03
C VAL A 57 -13.54 -0.98 -2.52
N TYR A 58 -12.83 -2.11 -2.58
CA TYR A 58 -13.36 -3.36 -2.04
C TYR A 58 -12.56 -3.77 -0.84
N SER A 59 -13.24 -3.97 0.29
CA SER A 59 -12.62 -4.43 1.52
C SER A 59 -13.14 -5.85 1.78
N GLY A 60 -12.49 -6.57 2.70
CA GLY A 60 -12.93 -7.93 3.06
C GLY A 60 -12.78 -8.95 1.95
N ILE A 61 -11.83 -8.69 1.04
CA ILE A 61 -11.57 -9.57 -0.10
C ILE A 61 -10.31 -10.41 0.12
N LEU A 62 -10.41 -11.73 -0.06
CA LEU A 62 -9.24 -12.60 -0.09
C LEU A 62 -8.91 -12.80 -1.59
N ASN A 63 -9.92 -13.22 -2.35
CA ASN A 63 -9.80 -13.56 -3.77
C ASN A 63 -10.43 -12.54 -4.67
N GLN A 64 -9.75 -12.12 -5.75
CA GLN A 64 -10.33 -11.18 -6.71
C GLN A 64 -11.62 -11.76 -7.34
N SER A 65 -11.77 -13.10 -7.37
CA SER A 65 -12.96 -13.79 -7.93
C SER A 65 -14.23 -13.53 -7.09
N GLU A 66 -14.07 -12.96 -5.87
CA GLU A 66 -15.19 -12.57 -5.00
C GLU A 66 -15.87 -11.31 -5.57
N ILE A 67 -15.15 -10.58 -6.45
CA ILE A 67 -15.64 -9.35 -7.06
C ILE A 67 -16.36 -9.60 -8.38
N LYS A 68 -17.68 -9.36 -8.39
CA LYS A 68 -18.53 -9.43 -9.57
C LYS A 68 -19.35 -8.13 -9.55
N GLU A 69 -20.27 -7.96 -10.51
CA GLU A 69 -21.14 -6.77 -10.59
C GLU A 69 -22.05 -6.61 -9.36
N ASP A 70 -22.42 -7.70 -8.68
CA ASP A 70 -23.29 -7.64 -7.49
C ASP A 70 -22.52 -7.50 -6.14
N THR A 71 -21.17 -7.42 -6.18
CA THR A 71 -20.35 -7.30 -4.95
C THR A 71 -20.37 -5.88 -4.45
N SER A 72 -20.62 -5.70 -3.14
CA SER A 72 -20.65 -4.36 -2.55
CA SER A 72 -20.64 -4.35 -2.58
C SER A 72 -19.24 -3.76 -2.55
N PHE A 73 -19.15 -2.43 -2.67
CA PHE A 73 -17.90 -1.70 -2.67
C PHE A 73 -18.17 -0.34 -2.01
N PHE A 74 -17.11 0.44 -1.78
CA PHE A 74 -17.21 1.81 -1.27
C PHE A 74 -16.86 2.76 -2.42
N GLY A 75 -17.72 3.75 -2.62
CA GLY A 75 -17.47 4.81 -3.60
C GLY A 75 -16.46 5.77 -3.00
N VAL A 76 -15.78 6.54 -3.83
CA VAL A 76 -14.80 7.51 -3.37
C VAL A 76 -15.37 8.93 -3.58
N GLN A 77 -15.45 9.69 -2.50
CA GLN A 77 -15.93 11.05 -2.48
C GLN A 77 -14.79 11.99 -2.95
N GLU A 78 -13.56 11.71 -2.50
CA GLU A 78 -12.45 12.60 -2.77
C GLU A 78 -11.10 11.89 -2.83
N ILE A 79 -10.25 12.33 -3.77
CA ILE A 79 -8.86 11.86 -3.87
C ILE A 79 -7.97 12.98 -3.31
N ILE A 80 -7.19 12.71 -2.26
CA ILE A 80 -6.31 13.72 -1.68
C ILE A 80 -4.84 13.30 -1.90
N ILE A 81 -4.14 13.98 -2.79
CA ILE A 81 -2.75 13.68 -3.11
C ILE A 81 -1.84 14.67 -2.39
N HIS A 82 -0.74 14.19 -1.81
CA HIS A 82 0.21 15.10 -1.13
C HIS A 82 0.58 16.20 -2.15
N ASP A 83 0.49 17.49 -1.78
CA ASP A 83 0.73 18.48 -2.82
C ASP A 83 2.22 18.71 -3.16
N GLN A 84 3.16 18.01 -2.49
CA GLN A 84 4.57 18.06 -2.91
C GLN A 84 4.88 16.91 -3.87
N TYR A 85 3.92 15.99 -4.06
CA TYR A 85 4.13 14.82 -4.94
C TYR A 85 4.35 15.19 -6.40
N LYS A 86 5.41 14.66 -7.00
CA LYS A 86 5.72 14.81 -8.41
C LYS A 86 5.78 13.40 -9.02
N MET A 87 6.52 12.48 -8.38
CA MET A 87 6.68 11.11 -8.86
C MET A 87 7.11 10.21 -7.73
N ALA A 88 6.86 8.89 -7.88
CA ALA A 88 7.20 7.86 -6.87
C ALA A 88 8.66 7.94 -6.46
N GLU A 89 9.58 8.01 -7.45
CA GLU A 89 11.04 8.04 -7.18
C GLU A 89 11.53 9.28 -6.44
N SER A 90 10.71 10.36 -6.40
CA SER A 90 11.12 11.56 -5.65
C SER A 90 10.42 11.65 -4.27
N GLY A 91 9.60 10.66 -3.91
CA GLY A 91 8.91 10.68 -2.61
C GLY A 91 7.57 11.40 -2.61
N TYR A 92 7.04 11.63 -1.38
CA TYR A 92 5.71 12.22 -1.15
C TYR A 92 4.65 11.35 -1.85
N ASP A 93 4.96 10.04 -2.04
CA ASP A 93 4.08 9.11 -2.74
C ASP A 93 3.01 8.60 -1.78
N ILE A 94 2.06 9.49 -1.50
CA ILE A 94 1.01 9.21 -0.54
C ILE A 94 -0.26 9.93 -0.95
N ALA A 95 -1.38 9.24 -0.76
CA ALA A 95 -2.70 9.74 -1.06
C ALA A 95 -3.70 9.14 -0.10
N LEU A 96 -4.79 9.87 0.11
CA LEU A 96 -5.93 9.44 0.92
C LEU A 96 -7.15 9.42 0.04
N LEU A 97 -8.01 8.44 0.28
CA LEU A 97 -9.28 8.37 -0.41
C LEU A 97 -10.30 8.58 0.68
N LYS A 98 -11.19 9.58 0.51
CA LYS A 98 -12.30 9.78 1.42
C LYS A 98 -13.46 9.02 0.82
N LEU A 99 -13.97 8.04 1.57
CA LEU A 99 -15.05 7.19 1.10
C LEU A 99 -16.41 7.91 1.23
N GLU A 100 -17.31 7.61 0.30
CA GLU A 100 -18.67 8.17 0.27
C GLU A 100 -19.49 7.67 1.44
N THR A 101 -19.23 6.43 1.91
CA THR A 101 -19.90 5.85 3.06
C THR A 101 -18.87 5.33 4.04
N THR A 102 -19.34 5.00 5.24
CA THR A 102 -18.57 4.50 6.37
C THR A 102 -18.36 2.97 6.28
N VAL A 103 -17.14 2.52 6.61
CA VAL A 103 -16.79 1.11 6.70
C VAL A 103 -17.32 0.63 8.05
N GLY A 104 -18.08 -0.46 8.05
CA GLY A 104 -18.54 -1.07 9.30
C GLY A 104 -17.45 -2.07 9.68
N TYR A 105 -16.79 -1.85 10.82
CA TYR A 105 -15.69 -2.70 11.28
C TYR A 105 -16.16 -4.07 11.72
N GLY A 106 -15.38 -5.07 11.36
CA GLY A 106 -15.64 -6.45 11.76
C GLY A 106 -14.37 -7.27 11.59
N ASP A 107 -14.50 -8.59 11.75
CA ASP A 107 -13.35 -9.50 11.62
C ASP A 107 -12.82 -9.58 10.17
N SER A 108 -13.59 -9.12 9.17
CA SER A 108 -13.18 -9.11 7.75
C SER A 108 -12.62 -7.77 7.25
N GLN A 109 -12.89 -6.66 7.97
CA GLN A 109 -12.46 -5.32 7.58
C GLN A 109 -12.35 -4.44 8.81
N ARG A 110 -11.14 -4.00 9.08
CA ARG A 110 -10.85 -3.14 10.23
CA ARG A 110 -10.84 -3.15 10.23
C ARG A 110 -9.61 -2.29 9.97
N PRO A 111 -9.36 -1.19 10.73
CA PRO A 111 -8.19 -0.35 10.41
C PRO A 111 -6.85 -0.83 10.95
N ILE A 112 -5.77 -0.41 10.31
CA ILE A 112 -4.43 -0.68 10.82
C ILE A 112 -3.99 0.60 11.54
N CYS A 113 -3.32 0.48 12.70
CA CYS A 113 -2.78 1.60 13.46
C CYS A 113 -1.66 2.29 12.66
N LEU A 114 -1.59 3.60 12.77
CA LEU A 114 -0.52 4.37 12.17
C LEU A 114 0.64 4.27 13.13
N PRO A 115 1.91 4.41 12.69
CA PRO A 115 3.01 4.35 13.65
C PRO A 115 3.02 5.59 14.56
N SER A 116 3.55 5.44 15.78
CA SER A 116 3.65 6.58 16.69
C SER A 116 4.94 7.37 16.40
N LYS A 117 4.93 8.69 16.69
CA LYS A 117 6.08 9.59 16.54
C LYS A 117 7.27 9.08 17.39
N GLY A 118 6.95 8.50 18.55
CA GLY A 118 7.93 7.89 19.46
C GLY A 118 8.47 6.57 18.94
N ASP A 119 7.65 5.87 18.12
CA ASP A 119 7.99 4.60 17.49
C ASP A 119 8.97 4.75 16.29
N ARG A 120 9.41 6.00 16.00
CA ARG A 120 10.40 6.31 14.96
C ARG A 120 11.77 5.72 15.35
N ASN A 121 11.99 5.55 16.68
CA ASN A 121 13.21 5.01 17.29
C ASN A 121 13.14 3.49 17.52
N VAL A 122 12.01 2.82 17.13
CA VAL A 122 11.87 1.37 17.31
C VAL A 122 12.36 0.60 16.07
N ILE A 123 12.85 -0.63 16.30
CA ILE A 123 13.35 -1.53 15.26
C ILE A 123 12.25 -2.57 15.01
N TYR A 124 11.75 -2.62 13.78
CA TYR A 124 10.71 -3.58 13.42
C TYR A 124 11.39 -4.77 12.77
N THR A 125 11.12 -5.98 13.30
CA THR A 125 11.71 -7.24 12.84
C THR A 125 10.68 -8.21 12.24
N ASP A 126 9.39 -7.82 12.26
CA ASP A 126 8.34 -8.69 11.73
C ASP A 126 7.43 -7.90 10.75
N CYS A 127 7.95 -7.67 9.51
CA CYS A 127 7.31 -6.88 8.46
C CYS A 127 6.91 -7.73 7.28
N TRP A 128 5.70 -7.47 6.77
CA TRP A 128 5.11 -8.20 5.65
C TRP A 128 4.53 -7.25 4.63
N VAL A 129 4.75 -7.56 3.35
CA VAL A 129 4.23 -6.83 2.20
C VAL A 129 3.16 -7.72 1.59
N THR A 130 1.99 -7.15 1.27
CA THR A 130 0.85 -7.91 0.78
C THR A 130 0.28 -7.30 -0.48
N GLY A 131 -0.34 -8.12 -1.30
CA GLY A 131 -0.98 -7.63 -2.52
C GLY A 131 -1.37 -8.70 -3.49
N TRP A 132 -2.13 -8.27 -4.54
CA TRP A 132 -2.58 -9.15 -5.62
C TRP A 132 -1.68 -8.97 -6.88
N GLY A 133 -0.54 -8.30 -6.73
CA GLY A 133 0.37 -8.03 -7.85
C GLY A 133 1.10 -9.26 -8.42
N TYR A 134 1.89 -9.00 -9.46
CA TYR A 134 2.67 -9.99 -10.23
C TYR A 134 3.64 -10.77 -9.33
N ARG A 135 3.95 -12.01 -9.71
CA ARG A 135 4.91 -12.88 -9.02
C ARG A 135 6.30 -12.71 -9.63
N LYS A 136 6.38 -11.99 -10.77
CA LYS A 136 7.60 -11.66 -11.53
C LYS A 136 7.26 -10.51 -12.49
N LEU A 137 8.28 -9.86 -13.12
CA LEU A 137 8.03 -8.71 -13.99
C LEU A 137 7.02 -8.94 -15.08
N ARG A 138 7.03 -10.10 -15.74
CA ARG A 138 6.05 -10.36 -16.79
C ARG A 138 5.10 -11.42 -16.27
N ASP A 139 3.97 -10.99 -15.74
CA ASP A 139 2.99 -11.89 -15.13
C ASP A 139 1.60 -11.27 -15.23
N LYS A 140 0.74 -11.54 -14.24
CA LYS A 140 -0.60 -11.01 -14.20
C LYS A 140 -1.03 -10.88 -12.75
N ILE A 141 -2.09 -10.09 -12.51
CA ILE A 141 -2.69 -9.93 -11.18
C ILE A 141 -3.07 -11.33 -10.67
N GLN A 142 -2.75 -11.62 -9.41
CA GLN A 142 -3.06 -12.88 -8.76
C GLN A 142 -4.48 -12.85 -8.17
N ASN A 143 -5.18 -13.98 -8.22
CA ASN A 143 -6.52 -14.09 -7.65
C ASN A 143 -6.46 -13.96 -6.12
N THR A 144 -5.57 -14.72 -5.46
CA THR A 144 -5.47 -14.72 -3.99
C THR A 144 -4.46 -13.71 -3.49
N LEU A 145 -4.85 -12.96 -2.42
CA LEU A 145 -3.95 -12.02 -1.76
C LEU A 145 -2.67 -12.77 -1.32
N GLN A 146 -1.50 -12.27 -1.73
CA GLN A 146 -0.22 -12.91 -1.34
C GLN A 146 0.43 -12.13 -0.24
N LYS A 147 1.35 -12.76 0.48
CA LYS A 147 2.12 -12.15 1.56
C LYS A 147 3.56 -12.58 1.48
N ALA A 148 4.48 -11.71 1.91
CA ALA A 148 5.91 -12.03 1.97
C ALA A 148 6.53 -11.28 3.14
N LYS A 149 7.31 -11.98 3.97
CA LYS A 149 8.02 -11.37 5.10
C LYS A 149 9.32 -10.81 4.59
N ILE A 150 9.57 -9.53 4.84
CA ILE A 150 10.76 -8.89 4.31
C ILE A 150 11.45 -8.08 5.39
N PRO A 151 12.80 -8.07 5.45
CA PRO A 151 13.45 -7.25 6.49
C PRO A 151 13.55 -5.81 6.06
N LEU A 152 13.47 -4.88 7.01
CA LEU A 152 13.73 -3.47 6.73
C LEU A 152 15.23 -3.29 6.55
N VAL A 153 15.59 -2.33 5.73
CA VAL A 153 16.96 -1.96 5.35
C VAL A 153 17.16 -0.51 5.78
N THR A 154 18.36 -0.16 6.32
CA THR A 154 18.64 1.23 6.71
C THR A 154 18.67 2.13 5.47
N ASN A 155 18.43 3.43 5.70
CA ASN A 155 18.50 4.47 4.68
C ASN A 155 19.89 4.46 4.00
N GLU A 156 20.98 4.33 4.80
CA GLU A 156 22.37 4.30 4.31
C GLU A 156 22.59 3.13 3.34
N GLU A 157 22.17 1.93 3.73
CA GLU A 157 22.27 0.75 2.88
C GLU A 157 21.38 0.88 1.62
N CYS A 158 20.16 1.40 1.77
CA CYS A 158 19.27 1.59 0.62
C CYS A 158 19.84 2.60 -0.36
N GLN A 159 20.48 3.67 0.15
CA GLN A 159 21.10 4.68 -0.69
C GLN A 159 22.25 4.06 -1.52
N LYS A 160 23.05 3.16 -0.90
CA LYS A 160 24.14 2.43 -1.58
C LYS A 160 23.57 1.65 -2.76
N ARG A 161 22.38 1.04 -2.58
CA ARG A 161 21.69 0.21 -3.57
C ARG A 161 21.08 0.98 -4.72
N TYR A 162 20.83 2.28 -4.52
CA TYR A 162 20.21 3.14 -5.52
C TYR A 162 21.07 4.35 -5.84
N ARG A 163 22.23 4.09 -6.42
CA ARG A 163 23.16 5.14 -6.88
C ARG A 163 22.44 5.88 -8.00
N GLY A 164 22.42 7.20 -7.93
CA GLY A 164 21.72 7.99 -8.93
C GLY A 164 20.35 8.44 -8.47
N HIS A 165 19.87 7.87 -7.34
CA HIS A 165 18.61 8.32 -6.73
C HIS A 165 18.92 9.02 -5.44
N LYS A 166 17.97 9.78 -4.93
CA LYS A 166 18.13 10.41 -3.64
C LYS A 166 17.14 9.70 -2.71
N ILE A 167 17.64 8.72 -1.92
CA ILE A 167 16.83 7.97 -0.94
C ILE A 167 16.75 8.81 0.35
N THR A 168 15.57 9.39 0.61
CA THR A 168 15.36 10.26 1.75
C THR A 168 14.82 9.49 2.93
N HIS A 169 14.81 10.13 4.11
CA HIS A 169 14.27 9.55 5.34
C HIS A 169 12.72 9.49 5.30
N LYS A 170 12.10 10.10 4.25
CA LYS A 170 10.65 10.01 4.00
C LYS A 170 10.33 8.72 3.18
N MET A 171 11.38 7.96 2.88
CA MET A 171 11.29 6.65 2.23
C MET A 171 11.83 5.61 3.20
N ILE A 172 11.31 4.39 3.13
CA ILE A 172 11.82 3.28 3.92
C ILE A 172 11.97 2.09 2.97
N CYS A 173 13.11 1.38 3.08
CA CYS A 173 13.37 0.27 2.18
C CYS A 173 13.30 -1.06 2.87
N ALA A 174 12.97 -2.09 2.09
CA ALA A 174 12.86 -3.45 2.61
C ALA A 174 13.20 -4.45 1.51
N GLY A 175 13.99 -5.45 1.87
CA GLY A 175 14.36 -6.56 1.00
C GLY A 175 15.57 -7.32 1.49
N TYR A 176 15.75 -8.53 0.95
CA TYR A 176 16.91 -9.39 1.22
C TYR A 176 18.02 -8.98 0.29
N ARG A 177 19.27 -8.97 0.79
CA ARG A 177 20.45 -8.64 -0.01
C ARG A 177 20.50 -9.51 -1.28
N GLU A 178 20.09 -10.78 -1.17
CA GLU A 178 20.11 -11.71 -2.31
C GLU A 178 18.85 -11.64 -3.15
N GLY A 179 17.90 -10.77 -2.77
CA GLY A 179 16.62 -10.64 -3.45
C GLY A 179 15.74 -11.85 -3.19
N GLY A 180 14.78 -12.07 -4.06
CA GLY A 180 13.89 -13.24 -3.93
C GLY A 180 12.50 -12.93 -3.42
N LYS A 181 12.36 -11.95 -2.52
CA LYS A 181 11.05 -11.58 -1.97
C LYS A 181 10.84 -10.08 -2.08
N ASP A 182 9.69 -9.66 -2.62
CA ASP A 182 9.43 -8.24 -2.86
C ASP A 182 8.02 -8.01 -3.31
N ALA A 183 7.65 -6.73 -3.43
CA ALA A 183 6.42 -6.30 -4.07
C ALA A 183 6.74 -6.33 -5.58
N CYS A 184 5.70 -6.31 -6.41
CA CYS A 184 5.86 -6.23 -7.86
C CYS A 184 4.64 -5.50 -8.45
N LYS A 185 4.52 -5.41 -9.78
CA LYS A 185 3.42 -4.70 -10.45
C LYS A 185 2.04 -5.06 -9.91
N GLY A 186 1.27 -4.06 -9.50
CA GLY A 186 -0.09 -4.26 -8.96
C GLY A 186 -0.14 -4.27 -7.45
N ASP A 187 1.02 -4.24 -6.81
CA ASP A 187 1.06 -4.23 -5.34
C ASP A 187 1.09 -2.81 -4.76
N SER A 188 1.47 -1.82 -5.59
CA SER A 188 1.68 -0.44 -5.11
C SER A 188 0.46 0.14 -4.45
N GLY A 189 0.68 0.95 -3.42
CA GLY A 189 -0.43 1.55 -2.68
C GLY A 189 -0.80 0.73 -1.47
N GLY A 190 -0.45 -0.55 -1.51
CA GLY A 190 -0.74 -1.50 -0.45
C GLY A 190 0.16 -1.27 0.75
N PRO A 191 -0.08 -2.03 1.82
CA PRO A 191 0.70 -1.83 3.05
C PRO A 191 1.98 -2.64 3.16
N LEU A 192 2.90 -2.09 3.97
CA LEU A 192 4.06 -2.77 4.52
C LEU A 192 3.68 -2.76 6.03
N SER A 193 3.19 -3.89 6.53
CA SER A 193 2.69 -4.02 7.92
C SER A 193 3.70 -4.66 8.82
N CYS A 194 4.00 -4.01 9.94
CA CYS A 194 4.98 -4.50 10.91
C CYS A 194 4.33 -4.71 12.27
N LYS A 195 4.52 -5.90 12.86
CA LYS A 195 3.96 -6.26 14.15
C LYS A 195 4.94 -5.88 15.25
N HIS A 196 4.49 -5.06 16.20
CA HIS A 196 5.33 -4.62 17.31
C HIS A 196 4.50 -4.54 18.58
N ASN A 197 4.94 -5.31 19.62
CA ASN A 197 4.27 -5.46 20.93
C ASN A 197 2.84 -5.90 20.72
N GLU A 198 2.67 -6.95 19.88
CA GLU A 198 1.41 -7.60 19.49
C GLU A 198 0.41 -6.68 18.72
N VAL A 199 0.87 -5.52 18.22
CA VAL A 199 0.04 -4.57 17.47
C VAL A 199 0.63 -4.36 16.06
N TRP A 200 -0.21 -4.39 15.04
CA TRP A 200 0.24 -4.16 13.68
C TRP A 200 0.25 -2.67 13.40
N HIS A 201 1.30 -2.20 12.75
CA HIS A 201 1.45 -0.78 12.41
C HIS A 201 1.68 -0.63 10.94
N LEU A 202 1.10 0.42 10.36
CA LEU A 202 1.28 0.70 8.94
C LEU A 202 2.63 1.43 8.77
N VAL A 203 3.69 0.69 8.54
CA VAL A 203 5.04 1.27 8.45
C VAL A 203 5.34 1.86 7.07
N GLY A 204 4.88 1.20 6.00
CA GLY A 204 5.13 1.69 4.67
C GLY A 204 3.98 1.53 3.70
N ILE A 205 4.07 2.26 2.59
CA ILE A 205 3.15 2.16 1.45
C ILE A 205 4.03 1.72 0.28
N THR A 206 3.71 0.57 -0.36
CA THR A 206 4.44 0.04 -1.53
C THR A 206 4.50 1.13 -2.63
N SER A 207 5.71 1.52 -3.00
CA SER A 207 5.92 2.62 -3.92
C SER A 207 6.67 2.19 -5.18
N TRP A 208 7.98 1.91 -5.08
CA TRP A 208 8.74 1.57 -6.29
C TRP A 208 9.98 0.73 -6.01
N GLY A 209 10.60 0.23 -7.07
CA GLY A 209 11.84 -0.55 -7.00
C GLY A 209 12.41 -0.68 -8.40
N GLU A 210 13.71 -1.03 -8.53
CA GLU A 210 14.27 -1.27 -9.87
C GLU A 210 14.09 -2.78 -10.12
N GLY A 211 13.10 -3.12 -10.94
CA GLY A 211 12.71 -4.51 -11.19
C GLY A 211 11.99 -5.06 -9.96
N CYS A 212 11.79 -6.36 -9.89
CA CYS A 212 11.11 -7.01 -8.75
C CYS A 212 12.00 -8.05 -8.12
N ALA A 213 12.19 -7.98 -6.80
CA ALA A 213 12.95 -8.92 -5.99
C ALA A 213 14.38 -9.18 -6.47
N GLN A 214 14.99 -8.18 -7.10
CA GLN A 214 16.36 -8.37 -7.58
C GLN A 214 17.31 -8.22 -6.39
N ARG A 215 18.40 -8.96 -6.47
CA ARG A 215 19.53 -8.93 -5.56
C ARG A 215 19.99 -7.47 -5.45
N GLU A 216 20.16 -7.01 -4.21
CA GLU A 216 20.66 -5.67 -3.87
C GLU A 216 19.81 -4.51 -4.43
N ARG A 217 18.49 -4.75 -4.60
CA ARG A 217 17.50 -3.75 -5.04
C ARG A 217 16.32 -3.85 -4.08
N PRO A 218 16.44 -3.25 -2.87
CA PRO A 218 15.30 -3.31 -1.93
C PRO A 218 14.09 -2.57 -2.48
N GLY A 219 12.90 -2.97 -2.06
CA GLY A 219 11.66 -2.29 -2.40
C GLY A 219 11.69 -0.96 -1.66
N VAL A 220 11.14 0.10 -2.27
CA VAL A 220 11.11 1.45 -1.69
C VAL A 220 9.66 1.76 -1.36
N TYR A 221 9.42 2.13 -0.11
CA TYR A 221 8.10 2.39 0.44
C TYR A 221 8.04 3.79 0.99
N THR A 222 6.82 4.39 1.00
CA THR A 222 6.62 5.69 1.67
C THR A 222 6.75 5.40 3.18
N ASN A 223 7.62 6.14 3.89
CA ASN A 223 7.84 5.95 5.32
C ASN A 223 6.72 6.65 6.06
N VAL A 224 5.65 5.91 6.39
CA VAL A 224 4.39 6.41 6.95
C VAL A 224 4.58 7.25 8.21
N VAL A 225 5.49 6.87 9.14
CA VAL A 225 5.74 7.65 10.37
C VAL A 225 6.02 9.14 10.06
N GLU A 226 6.67 9.41 8.92
CA GLU A 226 7.02 10.79 8.49
C GLU A 226 5.83 11.58 7.94
N TYR A 227 4.64 10.95 7.80
CA TYR A 227 3.45 11.60 7.27
C TYR A 227 2.26 11.57 8.21
N VAL A 228 2.45 11.15 9.47
CA VAL A 228 1.38 11.09 10.48
C VAL A 228 0.69 12.44 10.63
N ASP A 229 1.45 13.54 10.73
CA ASP A 229 0.86 14.87 10.86
C ASP A 229 0.10 15.27 9.61
N TRP A 230 0.63 14.94 8.44
CA TRP A 230 -0.07 15.23 7.18
C TRP A 230 -1.39 14.46 7.13
N ILE A 231 -1.40 13.17 7.54
CA ILE A 231 -2.63 12.33 7.51
C ILE A 231 -3.66 12.94 8.47
N LEU A 232 -3.24 13.27 9.70
CA LEU A 232 -4.11 13.89 10.71
C LEU A 232 -4.63 15.23 10.22
N GLU A 233 -3.78 16.05 9.53
CA GLU A 233 -4.21 17.32 8.94
C GLU A 233 -5.41 17.10 8.02
N LYS A 234 -5.32 16.10 7.14
CA LYS A 234 -6.36 15.82 6.14
C LYS A 234 -7.58 15.10 6.70
N THR A 235 -7.40 14.14 7.63
CA THR A 235 -8.51 13.33 8.18
C THR A 235 -9.21 13.97 9.42
N GLN A 236 -8.50 14.88 10.15
CA GLN A 236 -9.05 15.54 11.35
C GLN A 236 -9.33 17.02 11.10
N ALA A 237 -9.53 17.42 9.84
CA ALA A 237 -9.82 18.81 9.50
C ALA A 237 -11.09 19.30 10.21
N VAL A 238 -11.04 20.50 10.82
CA VAL A 238 -12.20 21.05 11.53
C VAL A 238 -13.28 21.55 10.54
C13 QLS B . 6.13 -1.40 -7.99
C18 QLS B . 2.85 1.54 -10.86
C17 QLS B . 2.69 0.15 -10.21
C15 QLS B . 3.66 -1.29 -8.52
C19 QLS B . 1.61 1.99 -11.69
C20 QLS B . 0.21 1.88 -11.00
C22 QLS B . 2.21 -0.85 -11.24
C24 QLS B . 1.94 -1.89 -13.09
C34 QLS B . -4.65 -5.47 -13.99
C27 QLS B . -0.53 -2.62 -12.68
CL1 QLS B . 8.31 -1.83 -3.35
C2 QLS B . 9.31 -3.19 -6.97
C3 QLS B . 9.31 -2.93 -5.61
C4 QLS B . 8.30 -2.17 -5.06
C5 QLS B . 7.28 -1.64 -5.84
C6 QLS B . 7.27 -1.89 -7.22
C7 QLS B . 8.31 -2.67 -7.78
N8 QLS B . 8.37 -2.90 -9.19
C9 QLS B . 9.29 -2.58 -10.11
N10 QLS B . 8.86 -2.91 -11.30
N11 QLS B . 7.64 -3.47 -11.09
N12 QLS B . 7.32 -3.47 -9.84
C14 QLS B . 4.87 -1.73 -7.78
O16 QLS B . 2.56 -1.83 -8.36
N21 QLS B . 3.84 -0.30 -9.42
N23 QLS B . 2.85 -1.14 -12.37
C25 QLS B . 0.78 -2.04 -12.37
N26 QLS B . 1.00 -1.39 -11.19
C28 QLS B . -0.61 -3.92 -13.18
C29 QLS B . -1.83 -4.52 -13.37
C30 QLS B . -3.01 -3.84 -13.08
C31 QLS B . -2.94 -2.53 -12.61
C32 QLS B . -1.71 -1.91 -12.41
N33 QLS B . -4.29 -4.44 -13.17
O35 QLS B . -3.93 -6.05 -14.77
O36 QLS B . -5.95 -5.78 -13.79
C37 QLS B . -6.46 -6.88 -14.57
C38 QLS B . -1.00 1.84 -11.95
C39 QLS B . -1.10 0.55 -12.78
N40 QLS B . -1.60 -0.57 -11.98
C41 QLS B . -1.97 0.77 -14.02
F42 QLS B . -3.22 1.09 -13.74
F43 QLS B . -2.03 -0.34 -14.78
F44 QLS B . -1.50 1.73 -14.79
H49 QLS B . 6.47 -0.78 -8.81
H53 QLS B . 3.07 2.26 -10.08
H52 QLS B . 3.76 1.56 -11.47
H51 QLS B . 1.85 0.23 -9.52
H54 QLS B . 1.61 1.47 -12.65
H55 QLS B . 1.76 3.03 -12.00
H57 QLS B . 0.11 2.69 -10.27
H56 QLS B . 0.15 1.01 -10.36
H59 QLS B . 2.19 -2.27 -14.08
H45 QLS B . 10.07 -3.84 -7.38
H46 QLS B . 10.10 -3.33 -4.97
H47 QLS B . 6.51 -1.03 -5.39
H48 QLS B . 10.26 -2.15 -9.90
H50 QLS B . 4.61 -2.41 -6.97
H58 QLS B . 4.71 0.20 -9.61
H70 QLS B . 0.34 -1.36 -10.41
H60 QLS B . 0.30 -4.46 -13.43
H61 QLS B . -1.84 -5.56 -13.73
H62 QLS B . -3.85 -1.96 -12.42
H63 QLS B . -4.99 -4.06 -12.54
H65 QLS B . -7.52 -6.94 -14.32
H66 QLS B . -5.97 -7.80 -14.23
H64 QLS B . -6.35 -6.81 -15.65
H68 QLS B . -0.97 2.74 -12.56
H67 QLS B . -1.90 2.00 -11.37
H69 QLS B . -0.13 0.30 -13.18
H71 QLS B . -1.90 -0.36 -11.04
S SO4 C . -7.57 -10.90 3.79
O1 SO4 C . -7.68 -9.87 2.78
O2 SO4 C . -6.30 -11.66 3.67
O3 SO4 C . -7.56 -10.26 5.13
O4 SO4 C . -8.70 -11.83 3.62
S SO4 D . 28.73 -3.37 -0.07
O1 SO4 D . 29.97 -2.62 -0.22
O2 SO4 D . 27.80 -2.94 -1.09
O3 SO4 D . 28.16 -3.15 1.26
O4 SO4 D . 29.00 -4.79 -0.22
C1 EDO E . 7.47 0.32 -12.83
O1 EDO E . 7.85 -0.30 -14.05
C2 EDO E . 6.22 -0.38 -12.33
O2 EDO E . 5.26 -0.32 -13.39
C1 EDO F . -17.32 1.12 13.35
O1 EDO F . -17.82 0.03 12.59
C2 EDO F . -16.63 2.17 12.43
O2 EDO F . -17.46 2.53 11.34
C1 EDO G . -12.10 -18.72 3.66
O1 EDO G . -12.01 -19.67 4.72
C2 EDO G . -11.44 -19.26 2.35
O2 EDO G . -11.92 -18.51 1.25
C1 EDO H . 11.73 -1.11 -13.64
O1 EDO H . 11.62 -1.18 -12.25
C2 EDO H . 11.04 -2.38 -14.19
O2 EDO H . 9.65 -2.33 -13.96
C1 EDO I . 11.04 2.67 -11.00
O1 EDO I . 10.39 1.49 -11.40
C2 EDO I . 12.56 2.45 -11.10
O2 EDO I . 12.87 2.23 -12.45
C1 EDO J . 16.63 13.54 3.62
O1 EDO J . 17.10 12.57 4.54
C2 EDO J . 15.48 14.36 4.27
O2 EDO J . 14.39 13.50 4.61
C1 EDO K . -14.27 -7.61 -11.71
O1 EDO K . -13.02 -7.44 -12.36
C2 EDO K . -15.35 -6.78 -12.42
O2 EDO K . -16.63 -7.14 -11.93
C1 EDO L . 19.86 -4.44 1.16
O1 EDO L . 21.13 -4.61 0.56
C2 EDO L . 18.80 -5.31 0.46
O2 EDO L . 19.06 -5.29 -0.92
C1 EDO M . 14.09 4.56 7.12
O1 EDO M . 14.56 3.53 7.95
C2 EDO M . 14.91 5.82 7.39
O2 EDO M . 14.05 6.93 7.34
C1 EDO N . 11.53 13.87 1.01
O1 EDO N . 12.37 14.70 0.21
C2 EDO N . 10.65 12.99 0.10
O2 EDO N . 11.47 12.10 -0.61
C1 EDO O . 1.25 -13.25 10.13
O1 EDO O . -0.14 -13.08 9.93
C2 EDO O . 1.87 -13.72 8.81
O2 EDO O . 1.53 -15.08 8.54
C1 EDO P . -6.38 8.27 11.49
O1 EDO P . -6.27 9.68 11.36
C2 EDO P . -7.85 7.89 11.81
O2 EDO P . -8.70 8.51 10.85
C1 EDO Q . 3.04 2.57 -15.71
O1 EDO Q . 4.01 2.36 -14.68
C2 EDO Q . 1.93 1.51 -15.70
O2 EDO Q . 2.35 0.36 -16.42
#